data_7P4W
#
_entry.id   7P4W
#
_cell.length_a   65.725
_cell.length_b   140.402
_cell.length_c   154.218
_cell.angle_alpha   90.000
_cell.angle_beta   90.000
_cell.angle_gamma   90.000
#
_symmetry.space_group_name_H-M   'I 2 2 2'
#
loop_
_entity.id
_entity.type
_entity.pdbx_description
1 polymer Alpha-amylase
2 branched 2-acetamido-2-deoxy-beta-D-glucopyranose-(1-4)-2-acetamido-2-deoxy-beta-D-glucopyranose
3 non-polymer 'CALCIUM ION'
4 non-polymer '2-(N-MORPHOLINO)-ETHANESULFONIC ACID'
5 water water
#
_entity_poly.entity_id   1
_entity_poly.type   'polypeptide(L)'
_entity_poly.pdbx_seq_one_letter_code
;ATPADWRSQSIYFLLTDRFARTDGSTTATCNTADQKYCGGTWQGIIDKLDYIQGMGFTAIWITPVTAQLPQTTAYGDAYH
GYWQQDIYSLNENYGTADDLKALSSALHERGMYLMVDVVANHMGYDGAGSSVDYSVFKPFSSQDYFHPFCFIQNYEDQTQ
VEDCWLGDNTVSLPDLDTTKDVVKNEWYDWVGSLVSNYSIDGLRIDTVKHVQKDFWPGYNKAAGVYCIGEVLDGDPAYTC
PYQNVMDGVLNYPIYYPLLNAFKSTSGSMDDLYNMINTVKSDCPDSTLLGTFVENHDNPRFASYTNDIALAKNVAAFIIL
NDGIPIIYAGQEQHYAGGNDPANREATWLSGYPTDSELYKLIASANAIRNYAISKDTGFVTYKNWPIYKDDTTIAMRKGT
DGSQIVTILSNKGASGDSYTLSLSGAGYTAGQQLTEVIGCTTVTVGSDGNVPVPMAGGLPRVLYPTEKLAGSKICS
;
_entity_poly.pdbx_strand_id   A
#
# COMPACT_ATOMS: atom_id res chain seq x y z
N ALA A 1 4.62 -12.55 -10.25
CA ALA A 1 3.44 -13.18 -9.70
C ALA A 1 3.79 -14.11 -8.54
N THR A 2 5.09 -14.49 -8.41
CA THR A 2 5.61 -15.22 -7.25
C THR A 2 6.02 -14.25 -6.16
N PRO A 3 6.10 -14.71 -4.90
CA PRO A 3 6.48 -13.79 -3.82
C PRO A 3 7.86 -13.20 -4.01
N ALA A 4 8.79 -13.96 -4.58
CA ALA A 4 10.11 -13.41 -4.88
C ALA A 4 10.00 -12.33 -5.95
N ASP A 5 9.15 -12.56 -6.95
CA ASP A 5 8.93 -11.54 -7.97
C ASP A 5 8.41 -10.24 -7.36
N TRP A 6 7.70 -10.31 -6.23
CA TRP A 6 7.04 -9.11 -5.75
C TRP A 6 7.93 -8.21 -4.90
N ARG A 7 9.01 -8.75 -4.32
CA ARG A 7 9.92 -7.95 -3.48
C ARG A 7 10.49 -6.74 -4.22
N SER A 8 10.73 -6.89 -5.51
CA SER A 8 11.22 -5.78 -6.31
C SER A 8 10.14 -4.78 -6.70
N GLN A 9 8.88 -5.06 -6.38
CA GLN A 9 7.80 -4.24 -6.94
C GLN A 9 7.56 -2.99 -6.09
N SER A 10 6.96 -2.00 -6.72
CA SER A 10 6.57 -0.77 -6.07
C SER A 10 5.14 -0.48 -6.49
N ILE A 11 4.20 -0.50 -5.52
CA ILE A 11 2.75 -0.51 -5.78
C ILE A 11 2.15 0.88 -5.67
N TYR A 12 1.32 1.25 -6.65
CA TYR A 12 0.46 2.44 -6.61
C TYR A 12 -0.98 1.96 -6.39
N PHE A 13 -1.50 2.20 -5.19
CA PHE A 13 -2.84 1.78 -4.79
C PHE A 13 -3.88 2.87 -5.10
N LEU A 14 -5.00 2.47 -5.71
CA LEU A 14 -6.01 3.39 -6.22
C LEU A 14 -7.40 2.77 -6.05
N LEU A 15 -8.41 3.64 -5.92
CA LEU A 15 -9.78 3.16 -5.98
C LEU A 15 -10.23 3.29 -7.43
N THR A 16 -10.73 2.17 -7.96
CA THR A 16 -11.16 2.17 -9.36
C THR A 16 -12.18 3.27 -9.61
N ASP A 17 -13.16 3.42 -8.71
CA ASP A 17 -14.20 4.43 -8.92
C ASP A 17 -13.68 5.84 -8.79
N ARG A 18 -12.50 6.04 -8.20
CA ARG A 18 -12.06 7.39 -7.91
C ARG A 18 -10.79 7.79 -8.65
N PHE A 19 -10.14 6.88 -9.40
CA PHE A 19 -8.88 7.24 -10.03
C PHE A 19 -9.05 7.94 -11.38
N ALA A 20 -9.71 7.28 -12.34
CA ALA A 20 -9.78 7.87 -13.68
C ALA A 20 -11.05 7.43 -14.38
N ARG A 21 -11.79 8.41 -14.90
CA ARG A 21 -13.00 8.19 -15.67
C ARG A 21 -12.65 7.77 -17.09
N THR A 22 -13.56 7.02 -17.72
CA THR A 22 -13.38 6.70 -19.12
C THR A 22 -13.25 7.96 -19.97
N ASP A 23 -14.05 8.99 -19.69
CA ASP A 23 -13.98 10.16 -20.54
C ASP A 23 -12.78 11.05 -20.23
N GLY A 24 -12.02 10.76 -19.17
CA GLY A 24 -10.83 11.53 -18.87
C GLY A 24 -11.08 12.92 -18.34
N SER A 25 -12.30 13.20 -17.86
CA SER A 25 -12.55 14.47 -17.23
C SER A 25 -11.61 14.67 -16.05
N THR A 26 -11.18 15.91 -15.85
CA THR A 26 -10.45 16.31 -14.66
C THR A 26 -11.26 17.31 -13.85
N THR A 27 -12.53 17.51 -14.24
CA THR A 27 -13.42 18.49 -13.64
C THR A 27 -14.73 17.89 -13.14
N ALA A 28 -15.12 16.72 -13.64
CA ALA A 28 -16.32 15.99 -13.22
C ALA A 28 -16.42 15.87 -11.71
N THR A 29 -17.52 16.38 -11.16
CA THR A 29 -17.64 16.42 -9.69
C THR A 29 -17.53 15.03 -9.09
N CYS A 30 -16.91 14.97 -7.91
CA CYS A 30 -16.94 13.78 -7.08
C CYS A 30 -16.89 14.27 -5.65
N ASN A 31 -18.04 14.25 -5.00
CA ASN A 31 -18.17 14.77 -3.65
C ASN A 31 -18.07 13.59 -2.69
N THR A 32 -16.95 13.51 -1.97
CA THR A 32 -16.72 12.33 -1.14
C THR A 32 -17.86 12.12 -0.15
N ALA A 33 -18.41 13.21 0.37
CA ALA A 33 -19.52 13.11 1.32
C ALA A 33 -20.73 12.38 0.73
N ASP A 34 -20.93 12.47 -0.59
CA ASP A 34 -22.10 11.83 -1.19
C ASP A 34 -22.02 10.31 -1.12
N GLN A 35 -20.81 9.75 -1.19
CA GLN A 35 -20.62 8.31 -1.05
C GLN A 35 -21.30 7.57 -2.18
N LYS A 36 -21.14 8.07 -3.39
CA LYS A 36 -21.75 7.53 -4.58
C LYS A 36 -20.68 7.21 -5.61
N TYR A 37 -21.04 6.38 -6.60
CA TYR A 37 -20.15 6.18 -7.74
C TYR A 37 -19.88 7.51 -8.42
N CYS A 38 -18.59 7.81 -8.63
CA CYS A 38 -18.21 9.02 -9.34
C CYS A 38 -17.78 8.74 -10.77
N GLY A 39 -17.63 7.48 -11.15
CA GLY A 39 -17.51 7.12 -12.55
C GLY A 39 -16.14 6.68 -13.01
N GLY A 40 -15.20 6.43 -12.10
CA GLY A 40 -13.91 5.91 -12.51
C GLY A 40 -14.03 4.48 -12.98
N THR A 41 -13.19 4.13 -13.96
CA THR A 41 -13.33 2.87 -14.68
C THR A 41 -11.98 2.21 -14.85
N TRP A 42 -12.02 0.93 -15.21
CA TRP A 42 -10.82 0.22 -15.65
C TRP A 42 -10.20 0.87 -16.86
N GLN A 43 -11.02 1.23 -17.86
CA GLN A 43 -10.46 1.87 -19.03
C GLN A 43 -9.80 3.19 -18.67
N GLY A 44 -10.37 3.94 -17.73
CA GLY A 44 -9.75 5.17 -17.29
C GLY A 44 -8.33 4.95 -16.79
N ILE A 45 -8.13 3.89 -16.00
CA ILE A 45 -6.79 3.55 -15.52
C ILE A 45 -5.82 3.38 -16.68
N ILE A 46 -6.19 2.55 -17.66
CA ILE A 46 -5.32 2.26 -18.80
C ILE A 46 -4.83 3.54 -19.45
N ASP A 47 -5.69 4.55 -19.55
CA ASP A 47 -5.35 5.78 -20.27
C ASP A 47 -4.41 6.68 -19.47
N LYS A 48 -4.21 6.42 -18.18
CA LYS A 48 -3.32 7.21 -17.36
C LYS A 48 -2.12 6.39 -16.87
N LEU A 49 -1.89 5.19 -17.42
CA LEU A 49 -0.78 4.40 -16.91
C LEU A 49 0.57 5.08 -17.13
N ASP A 50 0.68 6.00 -18.09
CA ASP A 50 1.87 6.84 -18.19
C ASP A 50 2.08 7.64 -16.92
N TYR A 51 1.00 8.10 -16.30
CA TYR A 51 1.21 8.90 -15.10
C TYR A 51 1.59 8.03 -13.91
N ILE A 52 1.10 6.80 -13.82
CA ILE A 52 1.52 5.93 -12.74
C ILE A 52 2.95 5.44 -12.96
N GLN A 53 3.27 5.01 -14.18
CA GLN A 53 4.60 4.49 -14.45
C GLN A 53 5.66 5.59 -14.34
N GLY A 54 5.28 6.84 -14.60
CA GLY A 54 6.20 7.95 -14.52
C GLY A 54 6.68 8.28 -13.12
N MET A 55 5.97 7.86 -12.07
CA MET A 55 6.50 7.89 -10.72
C MET A 55 7.40 6.71 -10.42
N GLY A 56 7.66 5.86 -11.41
CA GLY A 56 8.48 4.69 -11.20
C GLY A 56 7.83 3.58 -10.44
N PHE A 57 6.51 3.60 -10.27
CA PHE A 57 5.82 2.41 -9.80
C PHE A 57 5.92 1.31 -10.84
N THR A 58 5.85 0.06 -10.37
CA THR A 58 5.90 -1.09 -11.27
C THR A 58 4.63 -1.93 -11.17
N ALA A 59 3.62 -1.46 -10.45
CA ALA A 59 2.49 -2.30 -10.09
C ALA A 59 1.40 -1.37 -9.60
N ILE A 60 0.14 -1.81 -9.76
CA ILE A 60 -1.00 -1.10 -9.20
C ILE A 60 -1.82 -2.11 -8.42
N TRP A 61 -2.49 -1.61 -7.38
CA TRP A 61 -3.46 -2.37 -6.61
C TRP A 61 -4.82 -1.69 -6.76
N ILE A 62 -5.80 -2.44 -7.29
CA ILE A 62 -7.13 -1.89 -7.48
C ILE A 62 -8.08 -2.50 -6.46
N THR A 63 -9.14 -1.74 -6.13
CA THR A 63 -10.17 -2.20 -5.20
C THR A 63 -10.97 -3.35 -5.82
N PRO A 64 -11.76 -4.08 -5.00
CA PRO A 64 -12.34 -5.35 -5.49
C PRO A 64 -13.12 -5.23 -6.78
N VAL A 65 -13.25 -6.36 -7.46
CA VAL A 65 -13.81 -6.39 -8.80
C VAL A 65 -15.21 -7.00 -8.86
N THR A 66 -15.63 -7.73 -7.83
CA THR A 66 -16.89 -8.46 -7.88
C THR A 66 -18.11 -7.54 -7.82
N ALA A 67 -19.21 -8.00 -8.43
CA ALA A 67 -20.45 -7.23 -8.47
C ALA A 67 -21.01 -6.99 -7.07
N GLN A 68 -21.46 -5.77 -6.84
CA GLN A 68 -21.77 -5.29 -5.50
C GLN A 68 -23.27 -5.32 -5.27
N LEU A 69 -23.68 -5.15 -4.02
CA LEU A 69 -25.07 -4.83 -3.75
C LEU A 69 -25.46 -3.65 -4.63
N PRO A 70 -26.65 -3.66 -5.23
CA PRO A 70 -26.99 -2.58 -6.18
C PRO A 70 -27.47 -1.31 -5.51
N GLN A 71 -27.94 -1.37 -4.28
CA GLN A 71 -28.68 -0.26 -3.72
C GLN A 71 -27.79 0.97 -3.45
N THR A 72 -28.43 2.12 -3.32
CA THR A 72 -27.83 3.26 -2.61
C THR A 72 -28.25 3.14 -1.15
N THR A 73 -27.34 2.64 -0.30
CA THR A 73 -27.64 2.39 1.09
C THR A 73 -27.66 3.71 1.88
N ALA A 74 -28.06 3.63 3.15
CA ALA A 74 -27.96 4.82 3.98
C ALA A 74 -26.54 5.35 4.05
N TYR A 75 -25.53 4.50 3.80
CA TYR A 75 -24.14 4.88 3.75
C TYR A 75 -23.66 5.06 2.32
N GLY A 76 -24.57 5.18 1.36
CA GLY A 76 -24.19 5.39 -0.02
C GLY A 76 -24.03 4.11 -0.84
N ASP A 77 -23.49 4.30 -2.04
CA ASP A 77 -23.19 3.22 -2.96
C ASP A 77 -21.95 2.43 -2.53
N ALA A 78 -21.86 1.22 -3.08
CA ALA A 78 -20.69 0.38 -2.90
C ALA A 78 -19.60 0.73 -3.91
N TYR A 79 -19.29 2.04 -4.08
CA TYR A 79 -18.22 2.42 -4.99
C TYR A 79 -16.90 1.75 -4.63
N HIS A 80 -16.72 1.42 -3.36
CA HIS A 80 -15.42 0.99 -2.88
C HIS A 80 -15.11 -0.46 -3.17
N GLY A 81 -16.12 -1.25 -3.58
CA GLY A 81 -15.95 -2.65 -3.93
C GLY A 81 -15.99 -3.64 -2.78
N TYR A 82 -16.27 -3.21 -1.54
CA TYR A 82 -16.13 -4.13 -0.40
C TYR A 82 -17.46 -4.70 0.05
N TRP A 83 -18.52 -4.51 -0.72
CA TRP A 83 -19.86 -4.99 -0.39
C TRP A 83 -20.38 -5.90 -1.49
N GLN A 84 -19.69 -7.02 -1.72
CA GLN A 84 -20.00 -7.84 -2.90
C GLN A 84 -21.21 -8.71 -2.65
N GLN A 85 -21.93 -9.02 -3.73
CA GLN A 85 -22.84 -10.15 -3.56
C GLN A 85 -22.93 -11.13 -4.74
N ASP A 86 -22.37 -10.83 -5.91
CA ASP A 86 -22.26 -11.81 -7.01
C ASP A 86 -20.80 -11.96 -7.44
N ILE A 87 -20.11 -12.98 -6.91
CA ILE A 87 -18.67 -13.04 -7.12
C ILE A 87 -18.27 -13.51 -8.51
N TYR A 88 -19.15 -14.18 -9.26
CA TYR A 88 -18.84 -14.58 -10.63
C TYR A 88 -19.27 -13.55 -11.65
N SER A 89 -19.70 -12.38 -11.19
CA SER A 89 -19.96 -11.25 -12.06
C SER A 89 -19.06 -10.10 -11.65
N LEU A 90 -18.84 -9.20 -12.59
CA LEU A 90 -18.05 -8.02 -12.32
C LEU A 90 -19.00 -6.87 -11.98
N ASN A 91 -18.48 -5.95 -11.17
CA ASN A 91 -19.12 -4.66 -10.99
C ASN A 91 -19.10 -3.90 -12.32
N GLU A 92 -20.27 -3.68 -12.90
CA GLU A 92 -20.35 -3.11 -14.23
C GLU A 92 -20.12 -1.62 -14.24
N ASN A 93 -19.96 -1.01 -13.06
CA ASN A 93 -19.61 0.40 -12.99
C ASN A 93 -18.24 0.68 -13.61
N TYR A 94 -17.32 -0.29 -13.53
CA TYR A 94 -15.96 -0.05 -13.98
C TYR A 94 -15.71 -0.52 -15.41
N GLY A 95 -16.49 -1.50 -15.92
CA GLY A 95 -16.47 -1.86 -17.34
C GLY A 95 -16.75 -3.33 -17.56
N THR A 96 -16.29 -3.82 -18.71
CA THR A 96 -16.48 -5.20 -19.17
C THR A 96 -15.42 -6.11 -18.58
N ALA A 97 -15.69 -7.42 -18.58
CA ALA A 97 -14.59 -8.37 -18.40
C ALA A 97 -13.51 -8.15 -19.45
N ASP A 98 -13.90 -7.69 -20.65
CA ASP A 98 -12.92 -7.24 -21.63
C ASP A 98 -12.11 -6.07 -21.10
N ASP A 99 -12.79 -5.08 -20.54
CA ASP A 99 -12.08 -3.93 -20.00
C ASP A 99 -11.06 -4.38 -18.92
N LEU A 100 -11.44 -5.31 -18.05
CA LEU A 100 -10.53 -5.75 -16.98
C LEU A 100 -9.33 -6.50 -17.55
N LYS A 101 -9.59 -7.54 -18.36
CA LYS A 101 -8.53 -8.25 -19.05
C LYS A 101 -7.61 -7.30 -19.82
N ALA A 102 -8.17 -6.23 -20.40
CA ALA A 102 -7.36 -5.28 -21.14
C ALA A 102 -6.52 -4.39 -20.22
N LEU A 103 -6.93 -4.21 -18.97
CA LEU A 103 -6.10 -3.51 -18.00
C LEU A 103 -4.90 -4.34 -17.61
N SER A 104 -5.14 -5.61 -17.27
CA SER A 104 -4.06 -6.55 -17.01
C SER A 104 -3.07 -6.64 -18.17
N SER A 105 -3.45 -6.15 -19.35
CA SER A 105 -2.63 -6.27 -20.55
C SER A 105 -1.85 -5.00 -20.84
N ALA A 106 -2.50 -3.84 -20.77
CA ALA A 106 -1.76 -2.59 -20.87
C ALA A 106 -0.68 -2.52 -19.81
N LEU A 107 -0.86 -3.28 -18.71
CA LEU A 107 0.13 -3.32 -17.64
C LEU A 107 1.28 -4.23 -18.03
N HIS A 108 0.96 -5.41 -18.55
CA HIS A 108 2.00 -6.38 -18.84
C HIS A 108 2.86 -5.91 -20.01
N GLU A 109 2.23 -5.30 -21.00
CA GLU A 109 2.94 -4.62 -22.07
C GLU A 109 3.95 -3.61 -21.54
N ARG A 110 3.79 -3.20 -20.28
CA ARG A 110 4.61 -2.20 -19.62
C ARG A 110 5.57 -2.80 -18.61
N GLY A 111 5.68 -4.12 -18.56
CA GLY A 111 6.52 -4.73 -17.55
C GLY A 111 6.00 -4.53 -16.16
N MET A 112 4.72 -4.20 -16.03
CA MET A 112 4.09 -3.87 -14.76
C MET A 112 3.17 -5.00 -14.32
N TYR A 113 2.94 -5.08 -13.02
CA TYR A 113 2.07 -6.08 -12.42
C TYR A 113 0.68 -5.50 -12.15
N LEU A 114 -0.28 -6.42 -11.95
CA LEU A 114 -1.63 -6.10 -11.53
C LEU A 114 -1.91 -6.82 -10.21
N MET A 115 -2.26 -6.05 -9.19
CA MET A 115 -2.72 -6.61 -7.94
C MET A 115 -4.21 -6.29 -7.81
N VAL A 116 -4.98 -7.25 -7.33
CA VAL A 116 -6.42 -7.08 -7.21
C VAL A 116 -6.82 -7.33 -5.77
N ASP A 117 -7.77 -6.55 -5.29
CA ASP A 117 -8.19 -6.58 -3.91
C ASP A 117 -9.36 -7.55 -3.83
N VAL A 118 -9.34 -8.43 -2.83
CA VAL A 118 -10.34 -9.49 -2.78
C VAL A 118 -10.84 -9.62 -1.35
N VAL A 119 -12.15 -9.78 -1.21
CA VAL A 119 -12.80 -9.96 0.09
C VAL A 119 -13.27 -11.40 0.15
N ALA A 120 -12.92 -12.10 1.20
CA ALA A 120 -13.48 -13.41 1.41
C ALA A 120 -14.24 -13.49 2.71
N ASN A 121 -14.09 -12.49 3.58
CA ASN A 121 -14.75 -12.53 4.87
C ASN A 121 -16.27 -12.46 4.75
N HIS A 122 -16.80 -11.66 3.83
CA HIS A 122 -18.16 -11.22 3.97
C HIS A 122 -18.77 -10.84 2.64
N MET A 123 -20.11 -10.83 2.61
CA MET A 123 -20.86 -10.14 1.57
C MET A 123 -21.35 -8.80 2.15
N GLY A 124 -21.97 -7.99 1.29
CA GLY A 124 -22.63 -6.77 1.73
C GLY A 124 -24.12 -6.86 1.51
N TYR A 125 -24.90 -6.17 2.36
CA TYR A 125 -26.34 -6.16 2.18
C TYR A 125 -26.91 -4.85 2.70
N ASP A 126 -27.96 -4.37 2.03
CA ASP A 126 -28.64 -3.15 2.42
C ASP A 126 -29.71 -3.46 3.47
N GLY A 127 -29.47 -3.06 4.71
CA GLY A 127 -30.44 -3.22 5.77
C GLY A 127 -29.88 -4.04 6.92
N ALA A 128 -30.76 -4.33 7.88
CA ALA A 128 -30.36 -5.03 9.10
C ALA A 128 -29.93 -6.45 8.80
N GLY A 129 -29.15 -7.02 9.73
CA GLY A 129 -28.70 -8.37 9.55
C GLY A 129 -29.84 -9.35 9.63
N SER A 130 -30.77 -9.12 10.55
CA SER A 130 -31.90 -10.03 10.64
C SER A 130 -32.83 -9.96 9.43
N SER A 131 -32.61 -9.07 8.47
CA SER A 131 -33.47 -8.98 7.30
C SER A 131 -32.76 -9.41 6.03
N VAL A 132 -31.70 -10.20 6.14
CA VAL A 132 -30.88 -10.52 4.98
C VAL A 132 -31.59 -11.57 4.15
N ASP A 133 -31.69 -11.31 2.84
CA ASP A 133 -32.22 -12.27 1.86
C ASP A 133 -31.05 -12.99 1.20
N TYR A 134 -30.73 -14.19 1.66
CA TYR A 134 -29.46 -14.76 1.22
C TYR A 134 -29.53 -15.21 -0.23
N SER A 135 -30.72 -15.49 -0.74
CA SER A 135 -30.92 -15.88 -2.14
C SER A 135 -30.32 -14.89 -3.13
N VAL A 136 -29.95 -13.68 -2.69
CA VAL A 136 -29.31 -12.73 -3.58
C VAL A 136 -27.83 -13.04 -3.73
N PHE A 137 -27.24 -13.73 -2.77
CA PHE A 137 -25.80 -13.99 -2.72
C PHE A 137 -25.46 -15.12 -3.69
N LYS A 138 -24.98 -14.76 -4.89
CA LYS A 138 -24.43 -15.74 -5.81
C LYS A 138 -22.93 -15.88 -5.56
N PRO A 139 -22.42 -17.08 -5.23
CA PRO A 139 -23.11 -18.38 -5.14
C PRO A 139 -23.37 -18.85 -3.73
N PHE A 140 -23.48 -17.94 -2.76
CA PHE A 140 -23.67 -18.36 -1.38
C PHE A 140 -25.12 -18.15 -0.95
N SER A 141 -26.02 -18.89 -1.62
CA SER A 141 -27.44 -18.59 -1.67
C SER A 141 -28.20 -18.91 -0.39
N SER A 142 -27.63 -19.61 0.57
CA SER A 142 -28.40 -19.91 1.76
C SER A 142 -27.68 -19.43 3.01
N GLN A 143 -28.47 -19.25 4.06
CA GLN A 143 -27.93 -18.90 5.37
C GLN A 143 -27.03 -20.01 5.93
N ASP A 144 -27.11 -21.23 5.41
CA ASP A 144 -26.23 -22.31 5.89
C ASP A 144 -24.77 -21.95 5.69
N TYR A 145 -24.45 -21.27 4.59
CA TYR A 145 -23.10 -20.86 4.21
C TYR A 145 -22.53 -19.76 5.08
N PHE A 146 -23.28 -19.24 6.06
CA PHE A 146 -22.91 -18.04 6.80
C PHE A 146 -22.93 -18.28 8.30
N HIS A 147 -22.10 -17.51 9.01
CA HIS A 147 -22.10 -17.53 10.46
C HIS A 147 -23.43 -17.01 10.99
N PRO A 148 -23.82 -17.43 12.20
CA PRO A 148 -24.98 -16.84 12.84
C PRO A 148 -24.78 -15.34 13.01
N PHE A 149 -25.88 -14.59 12.91
CA PHE A 149 -25.81 -13.14 12.97
C PHE A 149 -25.40 -12.66 14.36
N CYS A 150 -24.45 -11.74 14.40
CA CYS A 150 -24.00 -11.03 15.60
C CYS A 150 -22.99 -9.96 15.18
N PHE A 151 -22.87 -8.95 16.02
CA PHE A 151 -21.94 -7.84 15.81
C PHE A 151 -20.68 -8.04 16.62
N ILE A 152 -19.56 -7.56 16.09
CA ILE A 152 -18.29 -7.68 16.80
C ILE A 152 -18.24 -6.55 17.83
N GLN A 153 -18.05 -6.90 19.10
CA GLN A 153 -18.16 -5.93 20.18
C GLN A 153 -16.88 -5.75 20.98
N ASN A 154 -15.98 -6.73 20.98
CA ASN A 154 -14.73 -6.65 21.73
C ASN A 154 -13.64 -7.28 20.87
N TYR A 155 -12.80 -6.44 20.26
CA TYR A 155 -11.78 -7.01 19.38
C TYR A 155 -10.73 -7.81 20.14
N GLU A 156 -10.69 -7.70 21.48
CA GLU A 156 -9.79 -8.56 22.24
C GLU A 156 -10.21 -10.03 22.11
N ASP A 157 -11.50 -10.28 21.90
CA ASP A 157 -12.06 -11.62 21.76
C ASP A 157 -11.89 -12.08 20.31
N GLN A 158 -10.73 -12.66 20.01
CA GLN A 158 -10.46 -13.10 18.65
C GLN A 158 -11.48 -14.10 18.14
N THR A 159 -12.24 -14.74 19.03
CA THR A 159 -13.20 -15.70 18.52
C THR A 159 -14.49 -15.02 18.07
N GLN A 160 -14.87 -13.88 18.67
CA GLN A 160 -15.88 -13.02 18.05
C GLN A 160 -15.38 -12.54 16.69
N VAL A 161 -14.24 -11.86 16.69
CA VAL A 161 -13.73 -11.14 15.53
C VAL A 161 -13.82 -11.98 14.27
N GLU A 162 -13.67 -13.29 14.41
CA GLU A 162 -13.72 -14.20 13.27
C GLU A 162 -15.13 -14.67 12.93
N ASP A 163 -16.05 -14.67 13.90
CA ASP A 163 -17.35 -15.30 13.75
C ASP A 163 -18.51 -14.33 13.72
N CYS A 164 -18.47 -13.25 14.49
CA CYS A 164 -19.49 -12.20 14.39
C CYS A 164 -19.28 -11.35 13.12
N TRP A 165 -20.29 -10.54 12.80
CA TRP A 165 -20.30 -9.78 11.55
C TRP A 165 -19.67 -8.40 11.74
N LEU A 166 -18.97 -7.94 10.72
CA LEU A 166 -18.61 -6.53 10.67
C LEU A 166 -19.84 -5.68 10.38
N GLY A 167 -19.65 -4.36 10.37
CA GLY A 167 -20.71 -3.46 10.00
C GLY A 167 -21.79 -3.38 11.07
N ASP A 168 -22.88 -2.71 10.70
CA ASP A 168 -23.99 -2.49 11.63
C ASP A 168 -25.31 -2.94 11.00
N ASN A 169 -26.44 -2.55 11.61
CA ASN A 169 -27.75 -2.83 11.04
C ASN A 169 -28.14 -1.86 9.92
N THR A 170 -27.27 -0.93 9.53
CA THR A 170 -27.58 -0.06 8.42
C THR A 170 -27.00 -0.56 7.10
N VAL A 171 -25.73 -0.94 7.09
CA VAL A 171 -25.17 -1.80 6.05
C VAL A 171 -24.57 -2.97 6.80
N SER A 172 -25.16 -4.13 6.66
CA SER A 172 -24.66 -5.32 7.34
C SER A 172 -23.77 -6.11 6.39
N LEU A 173 -22.84 -6.87 6.98
CA LEU A 173 -21.83 -7.60 6.22
C LEU A 173 -21.95 -9.07 6.58
N PRO A 174 -22.83 -9.81 5.91
CA PRO A 174 -23.04 -11.22 6.28
C PRO A 174 -21.77 -12.02 6.17
N ASP A 175 -21.44 -12.71 7.25
CA ASP A 175 -20.13 -13.28 7.46
C ASP A 175 -20.17 -14.75 7.06
N LEU A 176 -19.60 -15.04 5.89
CA LEU A 176 -19.41 -16.41 5.40
C LEU A 176 -18.79 -17.30 6.46
N ASP A 177 -19.36 -18.48 6.65
CA ASP A 177 -18.75 -19.44 7.58
C ASP A 177 -17.62 -20.14 6.84
N THR A 178 -16.43 -19.53 6.93
CA THR A 178 -15.20 -20.00 6.30
C THR A 178 -14.64 -21.25 6.97
N THR A 179 -15.30 -21.76 8.02
CA THR A 179 -14.94 -23.02 8.65
C THR A 179 -15.37 -24.23 7.83
N LYS A 180 -16.53 -24.18 7.21
CA LYS A 180 -17.10 -25.39 6.60
C LYS A 180 -16.68 -25.55 5.15
N ASP A 181 -16.32 -26.79 4.80
CA ASP A 181 -15.57 -27.08 3.59
C ASP A 181 -16.31 -26.67 2.33
N VAL A 182 -17.61 -26.44 2.42
CA VAL A 182 -18.34 -25.95 1.27
C VAL A 182 -17.79 -24.59 0.86
N VAL A 183 -17.55 -23.72 1.86
CA VAL A 183 -17.02 -22.39 1.61
C VAL A 183 -15.58 -22.47 1.11
N LYS A 184 -14.74 -23.22 1.84
CA LYS A 184 -13.33 -23.35 1.48
C LYS A 184 -13.17 -23.84 0.04
N ASN A 185 -13.89 -24.92 -0.32
CA ASN A 185 -13.83 -25.43 -1.69
C ASN A 185 -14.24 -24.36 -2.69
N GLU A 186 -15.27 -23.58 -2.35
CA GLU A 186 -15.80 -22.61 -3.30
C GLU A 186 -14.85 -21.43 -3.47
N TRP A 187 -14.42 -20.81 -2.36
CA TRP A 187 -13.48 -19.70 -2.48
C TRP A 187 -12.23 -20.11 -3.26
N TYR A 188 -11.58 -21.20 -2.83
CA TYR A 188 -10.32 -21.60 -3.45
C TYR A 188 -10.50 -21.76 -4.95
N ASP A 189 -11.54 -22.48 -5.35
CA ASP A 189 -11.86 -22.63 -6.76
C ASP A 189 -12.12 -21.26 -7.40
N TRP A 190 -12.80 -20.38 -6.68
CA TRP A 190 -13.08 -19.04 -7.19
C TRP A 190 -11.80 -18.27 -7.49
N VAL A 191 -10.88 -18.22 -6.53
CA VAL A 191 -9.77 -17.28 -6.66
C VAL A 191 -8.84 -17.67 -7.80
N GLY A 192 -8.52 -18.97 -7.91
CA GLY A 192 -7.65 -19.41 -8.98
C GLY A 192 -8.22 -19.06 -10.34
N SER A 193 -9.54 -19.18 -10.47
CA SER A 193 -10.19 -18.84 -11.73
C SER A 193 -10.15 -17.33 -11.96
N LEU A 194 -10.44 -16.55 -10.91
CA LEU A 194 -10.31 -15.10 -10.99
C LEU A 194 -8.94 -14.70 -11.49
N VAL A 195 -7.89 -15.26 -10.87
CA VAL A 195 -6.53 -14.97 -11.28
C VAL A 195 -6.32 -15.34 -12.73
N SER A 196 -6.74 -16.56 -13.10
CA SER A 196 -6.57 -17.05 -14.46
C SER A 196 -7.32 -16.17 -15.46
N ASN A 197 -8.60 -15.90 -15.20
CA ASN A 197 -9.39 -15.21 -16.21
C ASN A 197 -8.80 -13.84 -16.55
N TYR A 198 -8.26 -13.14 -15.56
CA TYR A 198 -7.87 -11.76 -15.77
C TYR A 198 -6.37 -11.55 -15.71
N SER A 199 -5.59 -12.62 -15.54
CA SER A 199 -4.12 -12.55 -15.49
C SER A 199 -3.65 -11.63 -14.35
N ILE A 200 -4.13 -11.93 -13.16
CA ILE A 200 -3.79 -11.15 -11.98
C ILE A 200 -2.44 -11.62 -11.44
N ASP A 201 -1.52 -10.67 -11.25
CA ASP A 201 -0.16 -10.97 -10.81
C ASP A 201 -0.05 -11.17 -9.29
N GLY A 202 -0.94 -10.58 -8.51
CA GLY A 202 -0.91 -10.78 -7.08
C GLY A 202 -2.18 -10.27 -6.45
N LEU A 203 -2.42 -10.70 -5.21
CA LEU A 203 -3.64 -10.33 -4.53
C LEU A 203 -3.36 -9.58 -3.24
N ARG A 204 -4.13 -8.52 -3.01
CA ARG A 204 -4.28 -7.90 -1.70
C ARG A 204 -5.56 -8.45 -1.07
N ILE A 205 -5.46 -8.97 0.14
CA ILE A 205 -6.59 -9.67 0.76
C ILE A 205 -7.14 -8.86 1.94
N ASP A 206 -8.40 -8.46 1.82
CA ASP A 206 -9.10 -7.62 2.79
C ASP A 206 -9.40 -8.40 4.08
N THR A 207 -9.51 -7.66 5.19
CA THR A 207 -10.03 -8.12 6.48
C THR A 207 -9.59 -9.56 6.82
N VAL A 208 -8.28 -9.75 6.89
CA VAL A 208 -7.73 -11.08 7.13
C VAL A 208 -7.92 -11.50 8.59
N LYS A 209 -7.86 -10.56 9.53
CA LYS A 209 -8.04 -10.94 10.92
C LYS A 209 -9.45 -11.41 11.23
N HIS A 210 -10.38 -11.27 10.29
CA HIS A 210 -11.77 -11.65 10.56
C HIS A 210 -12.08 -13.04 10.03
N VAL A 211 -11.13 -13.69 9.37
CA VAL A 211 -11.25 -15.08 8.94
C VAL A 211 -10.22 -15.89 9.73
N GLN A 212 -10.61 -17.10 10.17
CA GLN A 212 -9.71 -17.92 10.97
C GLN A 212 -8.48 -18.32 10.17
N LYS A 213 -7.37 -18.52 10.88
CA LYS A 213 -6.07 -18.59 10.21
C LYS A 213 -6.00 -19.74 9.20
N ASP A 214 -6.52 -20.93 9.56
CA ASP A 214 -6.29 -22.11 8.74
C ASP A 214 -7.06 -22.08 7.43
N PHE A 215 -7.86 -21.03 7.20
CA PHE A 215 -8.50 -20.84 5.91
C PHE A 215 -7.50 -20.39 4.86
N TRP A 216 -6.55 -19.54 5.24
CA TRP A 216 -5.75 -18.76 4.29
C TRP A 216 -4.70 -19.54 3.50
N PRO A 217 -4.01 -20.54 4.07
CA PRO A 217 -2.97 -21.22 3.27
C PRO A 217 -3.52 -21.87 2.01
N GLY A 218 -4.66 -22.57 2.11
CA GLY A 218 -5.30 -23.10 0.91
C GLY A 218 -5.70 -22.00 -0.05
N TYR A 219 -6.10 -20.84 0.49
CA TYR A 219 -6.48 -19.70 -0.35
C TYR A 219 -5.26 -19.18 -1.11
N ASN A 220 -4.13 -19.03 -0.40
CA ASN A 220 -2.90 -18.53 -1.02
C ASN A 220 -2.43 -19.48 -2.10
N LYS A 221 -2.33 -20.78 -1.77
CA LYS A 221 -2.09 -21.83 -2.76
C LYS A 221 -3.04 -21.68 -3.95
N ALA A 222 -4.35 -21.74 -3.68
CA ALA A 222 -5.34 -21.72 -4.76
C ALA A 222 -5.14 -20.53 -5.68
N ALA A 223 -4.82 -19.36 -5.10
CA ALA A 223 -4.62 -18.17 -5.92
C ALA A 223 -3.40 -18.30 -6.81
N GLY A 224 -2.38 -19.01 -6.32
CA GLY A 224 -1.18 -19.24 -7.10
C GLY A 224 -0.36 -18.00 -7.40
N VAL A 225 -0.47 -16.97 -6.56
CA VAL A 225 0.32 -15.76 -6.67
C VAL A 225 0.65 -15.26 -5.27
N TYR A 226 1.46 -14.20 -5.24
CA TYR A 226 1.74 -13.50 -4.00
C TYR A 226 0.47 -12.88 -3.43
N CYS A 227 0.22 -13.15 -2.15
CA CYS A 227 -0.89 -12.57 -1.43
C CYS A 227 -0.38 -11.77 -0.24
N ILE A 228 -0.85 -10.53 -0.12
CA ILE A 228 -0.56 -9.65 1.02
C ILE A 228 -1.87 -9.30 1.72
N GLY A 229 -1.91 -9.52 3.03
CA GLY A 229 -3.14 -9.40 3.79
C GLY A 229 -3.28 -8.10 4.56
N GLU A 230 -4.53 -7.62 4.66
CA GLU A 230 -4.90 -6.48 5.51
C GLU A 230 -5.31 -7.04 6.87
N VAL A 231 -4.32 -7.10 7.76
CA VAL A 231 -4.53 -7.36 9.17
C VAL A 231 -4.40 -6.00 9.85
N LEU A 232 -5.54 -5.40 10.22
CA LEU A 232 -5.55 -4.04 10.73
C LEU A 232 -5.34 -4.06 12.25
N ASP A 233 -4.08 -4.15 12.64
CA ASP A 233 -3.69 -3.99 14.04
C ASP A 233 -2.27 -3.45 14.07
N GLY A 234 -2.03 -2.50 14.98
CA GLY A 234 -0.71 -1.91 15.08
C GLY A 234 0.32 -2.73 15.84
N ASP A 235 -0.08 -3.85 16.42
CA ASP A 235 0.79 -4.63 17.29
C ASP A 235 1.49 -5.73 16.50
N PRO A 236 2.82 -5.74 16.45
CA PRO A 236 3.53 -6.79 15.70
C PRO A 236 3.28 -8.17 16.25
N ALA A 237 3.08 -8.29 17.58
CA ALA A 237 2.74 -9.57 18.18
C ALA A 237 1.53 -10.19 17.52
N TYR A 238 0.58 -9.37 17.08
CA TYR A 238 -0.70 -9.82 16.55
C TYR A 238 -0.64 -9.95 15.03
N THR A 239 -0.04 -8.97 14.35
CA THR A 239 -0.11 -8.87 12.90
C THR A 239 0.97 -9.73 12.23
N CYS A 240 2.19 -9.76 12.77
CA CYS A 240 3.24 -10.55 12.13
C CYS A 240 2.87 -12.03 12.01
N PRO A 241 2.39 -12.73 13.07
CA PRO A 241 2.01 -14.14 12.90
C PRO A 241 1.11 -14.40 11.71
N TYR A 242 0.34 -13.41 11.22
CA TYR A 242 -0.43 -13.79 10.04
C TYR A 242 0.44 -13.99 8.82
N GLN A 243 1.73 -13.65 8.91
CA GLN A 243 2.60 -14.02 7.81
C GLN A 243 2.93 -15.51 7.83
N ASN A 244 2.72 -16.18 8.98
CA ASN A 244 2.80 -17.65 9.05
C ASN A 244 1.77 -18.34 8.18
N VAL A 245 0.78 -17.59 7.68
CA VAL A 245 -0.38 -18.16 7.01
C VAL A 245 -0.53 -17.66 5.59
N MET A 246 0.15 -16.56 5.23
CA MET A 246 0.18 -16.08 3.86
C MET A 246 1.45 -15.26 3.65
N ASP A 247 1.74 -14.99 2.37
CA ASP A 247 3.05 -14.50 1.97
C ASP A 247 3.42 -13.22 2.70
N GLY A 248 2.61 -12.16 2.56
CA GLY A 248 2.86 -10.91 3.24
C GLY A 248 1.65 -10.43 4.01
N VAL A 249 1.85 -9.35 4.78
CA VAL A 249 0.77 -8.55 5.33
C VAL A 249 1.18 -7.08 5.20
N LEU A 250 0.17 -6.21 5.18
CA LEU A 250 0.42 -4.77 5.15
C LEU A 250 1.11 -4.36 6.45
N ASN A 251 2.12 -3.52 6.35
CA ASN A 251 2.95 -3.24 7.53
C ASN A 251 2.30 -2.17 8.41
N TYR A 252 1.15 -2.54 8.99
CA TYR A 252 0.53 -1.70 10.02
C TYR A 252 1.37 -1.50 11.28
N PRO A 253 2.16 -2.46 11.76
CA PRO A 253 3.06 -2.14 12.89
C PRO A 253 3.95 -0.94 12.63
N ILE A 254 4.57 -0.84 11.44
CA ILE A 254 5.34 0.35 11.14
C ILE A 254 4.44 1.57 11.01
N TYR A 255 3.24 1.39 10.44
CA TYR A 255 2.36 2.51 10.10
C TYR A 255 2.25 3.58 11.19
N TYR A 256 1.99 3.16 12.43
CA TYR A 256 1.67 4.15 13.46
C TYR A 256 2.90 4.96 13.86
N PRO A 257 4.03 4.37 14.28
CA PRO A 257 5.20 5.22 14.59
C PRO A 257 5.74 5.92 13.37
N LEU A 258 5.49 5.40 12.18
CA LEU A 258 5.90 6.12 10.99
C LEU A 258 5.13 7.42 10.87
N LEU A 259 3.80 7.35 10.96
CA LEU A 259 2.98 8.55 10.91
C LEU A 259 3.38 9.54 11.99
N ASN A 260 3.42 9.09 13.24
CA ASN A 260 3.68 10.01 14.34
C ASN A 260 5.05 10.66 14.22
N ALA A 261 6.03 9.91 13.71
CA ALA A 261 7.37 10.45 13.60
C ALA A 261 7.43 11.63 12.65
N PHE A 262 6.58 11.65 11.62
CA PHE A 262 6.67 12.70 10.62
C PHE A 262 5.45 13.61 10.53
N LYS A 263 4.39 13.37 11.30
CA LYS A 263 3.18 14.19 11.17
C LYS A 263 3.29 15.53 11.88
N SER A 264 4.45 15.86 12.45
CA SER A 264 4.73 17.11 13.15
C SER A 264 6.21 17.13 13.48
N THR A 265 6.74 18.35 13.69
CA THR A 265 8.15 18.61 13.95
C THR A 265 8.64 18.05 15.27
N SER A 266 7.83 17.36 16.04
CA SER A 266 8.29 16.76 17.29
C SER A 266 7.86 15.31 17.41
N GLY A 267 7.72 14.60 16.29
CA GLY A 267 7.39 13.19 16.35
C GLY A 267 8.55 12.35 16.83
N SER A 268 8.23 11.19 17.39
CA SER A 268 9.23 10.33 18.03
C SER A 268 9.99 9.52 16.99
N MET A 269 11.25 9.91 16.73
CA MET A 269 12.14 9.05 15.95
C MET A 269 12.41 7.73 16.67
N ASP A 270 12.47 7.75 18.00
CA ASP A 270 12.73 6.53 18.78
C ASP A 270 11.74 5.44 18.42
N ASP A 271 10.45 5.77 18.48
CA ASP A 271 9.41 4.78 18.22
C ASP A 271 9.57 4.17 16.83
N LEU A 272 9.79 5.01 15.82
CA LEU A 272 10.00 4.51 14.47
C LEU A 272 11.23 3.61 14.41
N TYR A 273 12.37 4.13 14.88
CA TYR A 273 13.62 3.37 14.94
C TYR A 273 13.41 1.99 15.55
N ASN A 274 12.72 1.94 16.69
CA ASN A 274 12.61 0.67 17.41
C ASN A 274 11.67 -0.28 16.70
N MET A 275 10.57 0.24 16.16
CA MET A 275 9.66 -0.62 15.43
C MET A 275 10.32 -1.19 14.18
N ILE A 276 11.28 -0.48 13.59
CA ILE A 276 11.93 -1.05 12.42
C ILE A 276 12.69 -2.31 12.81
N ASN A 277 13.40 -2.28 13.94
CA ASN A 277 14.14 -3.46 14.40
C ASN A 277 13.18 -4.53 14.92
N THR A 278 12.11 -4.11 15.58
CA THR A 278 11.10 -5.05 16.03
C THR A 278 10.58 -5.88 14.87
N VAL A 279 10.14 -5.23 13.80
CA VAL A 279 9.61 -5.95 12.64
C VAL A 279 10.69 -6.76 11.97
N LYS A 280 11.93 -6.24 11.95
CA LYS A 280 13.04 -6.98 11.36
C LYS A 280 13.23 -8.31 12.06
N SER A 281 13.22 -8.29 13.40
CA SER A 281 13.45 -9.49 14.20
C SER A 281 12.25 -10.44 14.12
N ASP A 282 11.05 -9.92 14.39
CA ASP A 282 9.91 -10.75 14.79
C ASP A 282 8.99 -11.17 13.65
N CYS A 283 8.68 -10.29 12.70
CA CYS A 283 7.94 -10.76 11.55
C CYS A 283 8.76 -11.81 10.81
N PRO A 284 8.09 -12.81 10.22
CA PRO A 284 8.82 -13.85 9.48
C PRO A 284 9.72 -13.33 8.38
N ASP A 285 9.29 -12.31 7.63
CA ASP A 285 10.16 -11.71 6.62
C ASP A 285 9.69 -10.28 6.39
N SER A 286 10.46 -9.32 6.90
CA SER A 286 10.13 -7.93 6.71
C SER A 286 10.21 -7.48 5.26
N THR A 287 10.85 -8.25 4.39
CA THR A 287 11.01 -7.85 2.99
C THR A 287 9.84 -8.28 2.13
N LEU A 288 8.85 -8.95 2.69
CA LEU A 288 7.62 -9.28 1.96
C LEU A 288 6.40 -8.51 2.46
N LEU A 289 6.61 -7.52 3.32
CA LEU A 289 5.53 -6.65 3.80
C LEU A 289 5.34 -5.44 2.88
N GLY A 290 4.22 -4.75 3.06
CA GLY A 290 3.90 -3.55 2.32
C GLY A 290 3.97 -2.34 3.24
N THR A 291 4.75 -1.35 2.82
CA THR A 291 4.99 -0.13 3.59
C THR A 291 4.04 0.96 3.08
N PHE A 292 3.41 1.69 4.01
CA PHE A 292 2.44 2.72 3.65
C PHE A 292 2.30 3.71 4.79
N VAL A 293 1.93 4.96 4.47
CA VAL A 293 1.48 5.87 5.52
C VAL A 293 0.12 6.49 5.18
N GLU A 294 -0.40 6.24 3.96
CA GLU A 294 -1.76 6.66 3.59
C GLU A 294 -2.54 5.49 3.00
N ASN A 295 -3.79 5.38 3.41
CA ASN A 295 -4.71 4.50 2.71
C ASN A 295 -6.13 5.08 2.84
N HIS A 296 -7.11 4.31 2.43
CA HIS A 296 -8.51 4.72 2.44
C HIS A 296 -9.20 4.48 3.78
N ASP A 297 -8.49 3.97 4.78
CA ASP A 297 -9.09 3.64 6.06
C ASP A 297 -8.55 4.49 7.22
N ASN A 298 -7.87 5.60 6.93
CA ASN A 298 -7.17 6.43 7.89
C ASN A 298 -7.11 7.83 7.31
N PRO A 299 -7.02 8.87 8.15
CA PRO A 299 -6.88 10.22 7.62
C PRO A 299 -5.57 10.31 6.84
N ARG A 300 -5.58 11.05 5.73
CA ARG A 300 -4.38 11.11 4.91
C ARG A 300 -3.26 11.80 5.68
N PHE A 301 -2.03 11.59 5.22
CA PHE A 301 -0.91 12.20 5.91
C PHE A 301 -1.06 13.72 5.99
N ALA A 302 -1.45 14.35 4.88
CA ALA A 302 -1.55 15.80 4.84
C ALA A 302 -2.71 16.33 5.70
N SER A 303 -3.64 15.47 6.14
CA SER A 303 -4.67 15.93 7.06
C SER A 303 -4.11 16.21 8.44
N TYR A 304 -2.89 15.75 8.71
CA TYR A 304 -2.19 16.05 9.94
C TYR A 304 -1.28 17.26 9.81
N THR A 305 -0.82 17.58 8.60
CA THR A 305 0.12 18.67 8.38
C THR A 305 0.35 18.84 6.88
N ASN A 306 0.33 20.08 6.43
CA ASN A 306 0.59 20.41 5.03
C ASN A 306 2.04 20.66 4.74
N ASP A 307 2.92 20.42 5.69
CA ASP A 307 4.34 20.68 5.49
C ASP A 307 4.87 19.70 4.45
N ILE A 308 5.30 20.23 3.30
CA ILE A 308 5.75 19.37 2.22
C ILE A 308 7.07 18.69 2.56
N ALA A 309 7.93 19.32 3.34
CA ALA A 309 9.15 18.62 3.75
C ALA A 309 8.83 17.37 4.52
N LEU A 310 7.88 17.45 5.47
CA LEU A 310 7.51 16.23 6.18
C LEU A 310 6.89 15.21 5.22
N ALA A 311 6.03 15.67 4.29
CA ALA A 311 5.44 14.75 3.32
C ALA A 311 6.51 14.08 2.47
N LYS A 312 7.54 14.83 2.07
CA LYS A 312 8.62 14.24 1.29
C LYS A 312 9.34 13.15 2.08
N ASN A 313 9.66 13.44 3.35
CA ASN A 313 10.36 12.48 4.20
C ASN A 313 9.59 11.18 4.32
N VAL A 314 8.27 11.24 4.53
CA VAL A 314 7.53 10.00 4.75
C VAL A 314 7.42 9.21 3.46
N ALA A 315 7.17 9.91 2.35
CA ALA A 315 7.10 9.21 1.07
C ALA A 315 8.43 8.52 0.78
N ALA A 316 9.55 9.17 1.10
CA ALA A 316 10.86 8.53 0.95
C ALA A 316 10.97 7.29 1.84
N PHE A 317 10.60 7.41 3.11
CA PHE A 317 10.68 6.24 3.96
C PHE A 317 9.94 5.06 3.31
N ILE A 318 8.74 5.32 2.79
CA ILE A 318 7.90 4.26 2.24
C ILE A 318 8.62 3.53 1.10
N ILE A 319 9.23 4.28 0.18
CA ILE A 319 9.90 3.66 -0.96
C ILE A 319 11.14 2.88 -0.52
N LEU A 320 11.92 3.40 0.45
CA LEU A 320 13.24 2.85 0.71
C LEU A 320 13.28 1.84 1.86
N ASN A 321 12.22 1.72 2.65
CA ASN A 321 12.09 0.69 3.69
C ASN A 321 12.14 -0.74 3.11
N ASP A 322 12.29 -1.73 4.00
CA ASP A 322 12.10 -3.13 3.59
C ASP A 322 10.71 -3.34 3.03
N GLY A 323 10.65 -4.24 2.05
CA GLY A 323 9.37 -4.71 1.55
C GLY A 323 8.93 -3.92 0.34
N ILE A 324 7.63 -3.87 0.14
CA ILE A 324 7.04 -3.32 -1.08
C ILE A 324 6.44 -1.97 -0.73
N PRO A 325 6.87 -0.88 -1.37
CA PRO A 325 6.27 0.43 -1.08
C PRO A 325 4.86 0.50 -1.65
N ILE A 326 3.94 1.13 -0.92
CA ILE A 326 2.56 1.29 -1.39
C ILE A 326 2.06 2.72 -1.20
N ILE A 327 2.08 3.52 -2.27
CA ILE A 327 1.59 4.89 -2.24
C ILE A 327 0.12 4.90 -2.61
N TYR A 328 -0.69 5.74 -1.93
CA TYR A 328 -2.13 5.77 -2.16
C TYR A 328 -2.48 6.95 -3.06
N ALA A 329 -3.14 6.63 -4.19
CA ALA A 329 -3.49 7.62 -5.20
C ALA A 329 -4.06 8.86 -4.53
N GLY A 330 -3.46 10.00 -4.86
CA GLY A 330 -3.76 11.24 -4.15
C GLY A 330 -2.62 11.70 -3.27
N GLN A 331 -1.96 10.75 -2.60
CA GLN A 331 -0.83 11.11 -1.74
C GLN A 331 0.23 11.89 -2.50
N GLU A 332 0.44 11.54 -3.77
CA GLU A 332 1.45 12.21 -4.57
C GLU A 332 1.02 13.59 -5.01
N GLN A 333 -0.24 13.96 -4.79
CA GLN A 333 -0.72 15.32 -5.02
C GLN A 333 -1.06 16.01 -3.71
N HIS A 334 -0.64 15.44 -2.58
CA HIS A 334 -0.70 16.13 -1.30
C HIS A 334 -2.15 16.28 -0.85
N TYR A 335 -2.96 15.26 -1.12
CA TYR A 335 -4.34 15.24 -0.68
C TYR A 335 -4.41 15.17 0.85
N ALA A 336 -5.44 15.83 1.41
CA ALA A 336 -5.52 16.04 2.86
C ALA A 336 -6.83 15.50 3.47
N GLY A 337 -7.54 14.64 2.77
CA GLY A 337 -8.82 14.16 3.29
C GLY A 337 -8.66 13.44 4.61
N GLY A 338 -9.68 13.55 5.45
CA GLY A 338 -9.73 12.87 6.72
C GLY A 338 -10.25 11.46 6.58
N ASN A 339 -10.86 10.97 7.64
CA ASN A 339 -11.38 9.61 7.63
C ASN A 339 -12.47 9.43 6.58
N ASP A 340 -12.61 8.18 6.14
CA ASP A 340 -13.71 7.64 5.32
C ASP A 340 -15.02 8.36 5.59
N PRO A 341 -15.65 8.99 4.60
CA PRO A 341 -15.38 8.97 3.17
C PRO A 341 -14.49 10.10 2.67
N ALA A 342 -13.96 10.94 3.56
CA ALA A 342 -13.21 12.10 3.09
C ALA A 342 -11.85 11.73 2.49
N ASN A 343 -11.33 10.52 2.75
CA ASN A 343 -10.09 10.07 2.14
C ASN A 343 -10.29 9.30 0.83
N ARG A 344 -11.46 9.40 0.22
CA ARG A 344 -11.69 8.71 -1.04
C ARG A 344 -11.80 9.70 -2.19
N GLU A 345 -11.01 10.77 -2.12
CA GLU A 345 -11.09 11.83 -3.13
C GLU A 345 -10.75 11.30 -4.51
N ALA A 346 -11.41 11.86 -5.52
CA ALA A 346 -11.11 11.49 -6.89
C ALA A 346 -9.73 12.01 -7.30
N THR A 347 -8.91 11.14 -7.89
CA THR A 347 -7.59 11.56 -8.34
C THR A 347 -7.66 12.51 -9.53
N TRP A 348 -8.66 12.37 -10.41
CA TRP A 348 -8.64 13.18 -11.61
C TRP A 348 -8.81 14.67 -11.31
N LEU A 349 -9.48 15.01 -10.20
CA LEU A 349 -9.68 16.40 -9.82
C LEU A 349 -8.37 17.15 -9.58
N SER A 350 -7.28 16.45 -9.29
CA SER A 350 -5.98 17.10 -9.17
C SER A 350 -5.44 17.56 -10.51
N GLY A 351 -6.00 17.10 -11.62
CA GLY A 351 -5.45 17.41 -12.93
C GLY A 351 -4.24 16.61 -13.31
N TYR A 352 -3.82 15.66 -12.46
CA TYR A 352 -2.72 14.73 -12.69
C TYR A 352 -1.35 15.37 -12.99
N PRO A 353 -1.00 16.52 -12.37
CA PRO A 353 0.28 17.16 -12.74
C PRO A 353 1.49 16.28 -12.42
N THR A 354 2.35 16.09 -13.43
CA THR A 354 3.55 15.28 -13.25
C THR A 354 4.73 16.09 -12.73
N ASP A 355 4.53 17.37 -12.39
CA ASP A 355 5.56 18.19 -11.77
C ASP A 355 5.19 18.65 -10.36
N SER A 356 4.16 18.06 -9.75
CA SER A 356 3.88 18.38 -8.36
C SER A 356 5.03 17.94 -7.48
N GLU A 357 5.15 18.62 -6.34
CA GLU A 357 6.33 18.47 -5.49
C GLU A 357 6.52 17.02 -5.03
N LEU A 358 5.43 16.36 -4.64
CA LEU A 358 5.53 14.96 -4.24
C LEU A 358 5.67 13.98 -5.40
N TYR A 359 5.34 14.38 -6.63
CA TYR A 359 5.52 13.40 -7.70
C TYR A 359 6.98 13.36 -8.14
N LYS A 360 7.64 14.50 -8.22
CA LYS A 360 9.07 14.49 -8.46
C LYS A 360 9.81 13.72 -7.37
N LEU A 361 9.40 13.89 -6.12
CA LEU A 361 10.05 13.17 -5.02
C LEU A 361 9.86 11.68 -5.17
N ILE A 362 8.61 11.22 -5.29
CA ILE A 362 8.38 9.80 -5.37
C ILE A 362 9.07 9.20 -6.58
N ALA A 363 9.13 9.96 -7.69
CA ALA A 363 9.82 9.45 -8.87
C ALA A 363 11.30 9.24 -8.59
N SER A 364 11.94 10.24 -7.97
CA SER A 364 13.36 10.09 -7.65
C SER A 364 13.61 8.92 -6.72
N ALA A 365 12.74 8.71 -5.73
CA ALA A 365 12.93 7.60 -4.81
C ALA A 365 12.76 6.26 -5.51
N ASN A 366 11.64 6.07 -6.22
CA ASN A 366 11.45 4.84 -7.00
C ASN A 366 12.60 4.64 -7.98
N ALA A 367 13.04 5.72 -8.64
CA ALA A 367 14.11 5.59 -9.63
C ALA A 367 15.35 4.96 -9.01
N ILE A 368 15.82 5.51 -7.87
CA ILE A 368 17.04 4.97 -7.26
C ILE A 368 16.79 3.56 -6.73
N ARG A 369 15.59 3.28 -6.24
CA ARG A 369 15.31 1.92 -5.77
C ARG A 369 15.28 0.93 -6.93
N ASN A 370 14.58 1.28 -8.02
CA ASN A 370 14.53 0.36 -9.16
C ASN A 370 15.93 0.15 -9.73
N TYR A 371 16.72 1.21 -9.81
CA TYR A 371 18.07 1.10 -10.34
C TYR A 371 18.96 0.28 -9.41
N ALA A 372 18.88 0.51 -8.11
CA ALA A 372 19.70 -0.26 -7.18
C ALA A 372 19.38 -1.73 -7.31
N ILE A 373 18.10 -2.06 -7.35
CA ILE A 373 17.70 -3.45 -7.54
C ILE A 373 18.27 -3.99 -8.85
N SER A 374 18.38 -3.15 -9.88
CA SER A 374 18.96 -3.60 -11.15
C SER A 374 20.37 -4.12 -10.96
N LYS A 375 21.16 -3.47 -10.11
CA LYS A 375 22.58 -3.76 -10.01
C LYS A 375 22.93 -4.58 -8.77
N ASP A 376 21.96 -4.93 -7.94
CA ASP A 376 22.25 -5.59 -6.66
C ASP A 376 21.13 -6.60 -6.42
N THR A 377 21.43 -7.89 -6.69
CA THR A 377 20.47 -8.95 -6.43
C THR A 377 20.30 -9.21 -4.95
N GLY A 378 20.98 -8.47 -4.09
CA GLY A 378 20.81 -8.69 -2.67
C GLY A 378 19.99 -7.59 -2.04
N PHE A 379 19.63 -6.58 -2.84
CA PHE A 379 19.01 -5.40 -2.24
C PHE A 379 17.64 -5.72 -1.63
N VAL A 380 16.79 -6.44 -2.35
CA VAL A 380 15.45 -6.73 -1.82
C VAL A 380 15.48 -7.65 -0.60
N THR A 381 16.55 -8.40 -0.40
CA THR A 381 16.64 -9.33 0.72
C THR A 381 17.50 -8.83 1.88
N TYR A 382 18.38 -7.86 1.63
CA TYR A 382 19.13 -7.19 2.70
C TYR A 382 18.19 -6.37 3.58
N LYS A 383 18.10 -6.71 4.86
CA LYS A 383 17.07 -6.11 5.70
C LYS A 383 17.45 -4.71 6.17
N ASN A 384 16.51 -3.77 6.04
CA ASN A 384 16.74 -2.37 6.33
C ASN A 384 17.32 -2.21 7.73
N TRP A 385 18.45 -1.53 7.81
CA TRP A 385 19.16 -1.45 9.06
C TRP A 385 19.20 0.01 9.50
N PRO A 386 18.58 0.34 10.64
CA PRO A 386 18.59 1.71 11.17
C PRO A 386 19.94 2.01 11.81
N ILE A 387 20.73 2.88 11.17
CA ILE A 387 22.11 3.08 11.64
C ILE A 387 22.27 4.26 12.55
N TYR A 388 21.23 5.08 12.75
CA TYR A 388 21.41 6.32 13.49
C TYR A 388 20.05 6.94 13.69
N LYS A 389 19.91 7.66 14.81
CA LYS A 389 18.76 8.50 15.09
C LYS A 389 19.22 9.63 16.00
N ASP A 390 18.43 10.68 16.07
CA ASP A 390 18.53 11.70 17.10
C ASP A 390 17.12 12.26 17.28
N ASP A 391 17.00 13.47 17.84
CA ASP A 391 15.67 13.98 18.15
C ASP A 391 14.85 14.25 16.89
N THR A 392 15.50 14.74 15.83
CA THR A 392 14.79 15.06 14.60
C THR A 392 15.25 14.22 13.39
N THR A 393 15.88 13.06 13.60
CA THR A 393 16.59 12.46 12.49
C THR A 393 16.57 10.95 12.62
N ILE A 394 16.38 10.29 11.49
CA ILE A 394 16.57 8.84 11.41
C ILE A 394 17.33 8.56 10.12
N ALA A 395 18.27 7.63 10.20
CA ALA A 395 19.13 7.32 9.07
C ALA A 395 19.22 5.81 8.99
N MET A 396 19.09 5.26 7.79
CA MET A 396 18.93 3.83 7.62
C MET A 396 19.69 3.41 6.38
N ARG A 397 19.99 2.11 6.33
CA ARG A 397 20.94 1.53 5.39
C ARG A 397 20.35 0.25 4.81
N LYS A 398 20.41 0.11 3.48
CA LYS A 398 19.87 -1.08 2.82
C LYS A 398 20.57 -1.30 1.48
N GLY A 399 21.04 -2.52 1.26
CA GLY A 399 21.82 -2.86 0.08
C GLY A 399 23.12 -3.56 0.46
N THR A 400 23.66 -4.34 -0.50
CA THR A 400 24.90 -5.06 -0.29
C THR A 400 26.04 -4.06 -0.08
N ASP A 401 27.00 -4.44 0.77
CA ASP A 401 28.14 -3.56 1.03
C ASP A 401 28.78 -3.15 -0.29
N GLY A 402 29.06 -1.85 -0.42
CA GLY A 402 29.55 -1.30 -1.66
C GLY A 402 28.46 -0.73 -2.57
N SER A 403 27.22 -1.19 -2.42
CA SER A 403 26.11 -0.70 -3.23
C SER A 403 24.94 -0.22 -2.38
N GLN A 404 25.11 -0.10 -1.07
CA GLN A 404 24.00 0.28 -0.21
C GLN A 404 23.50 1.68 -0.50
N ILE A 405 22.17 1.85 -0.37
CA ILE A 405 21.53 3.16 -0.27
C ILE A 405 21.45 3.53 1.21
N VAL A 406 21.85 4.74 1.54
CA VAL A 406 21.83 5.23 2.91
C VAL A 406 20.97 6.49 2.96
N THR A 407 19.87 6.42 3.70
CA THR A 407 18.82 7.41 3.66
C THR A 407 18.77 8.16 4.97
N ILE A 408 18.89 9.49 4.91
CA ILE A 408 18.80 10.34 6.08
C ILE A 408 17.45 11.06 5.99
N LEU A 409 16.62 10.86 7.00
CA LEU A 409 15.30 11.44 7.07
C LEU A 409 15.20 12.34 8.30
N SER A 410 14.42 13.41 8.17
CA SER A 410 14.31 14.43 9.21
C SER A 410 12.85 14.79 9.42
N ASN A 411 12.53 15.24 10.64
CA ASN A 411 11.24 15.86 10.89
C ASN A 411 11.40 17.30 11.34
N LYS A 412 12.49 17.95 10.94
CA LYS A 412 12.55 19.38 11.23
C LYS A 412 11.53 20.20 10.45
N GLY A 413 10.87 19.63 9.45
CA GLY A 413 9.91 20.39 8.66
C GLY A 413 10.58 21.38 7.72
N ALA A 414 9.73 22.10 6.98
CA ALA A 414 10.20 22.92 5.87
C ALA A 414 10.90 24.21 6.31
N SER A 415 10.92 24.54 7.60
CA SER A 415 11.68 25.69 8.08
C SER A 415 12.94 25.28 8.84
N GLY A 416 13.44 24.08 8.59
CA GLY A 416 14.61 23.61 9.31
C GLY A 416 15.84 24.43 9.01
N ASP A 417 16.70 24.54 10.03
CA ASP A 417 18.00 25.20 9.92
C ASP A 417 18.95 24.42 9.01
N SER A 418 19.97 25.12 8.52
CA SER A 418 21.00 24.49 7.73
C SER A 418 22.18 24.13 8.63
N TYR A 419 22.56 22.87 8.64
CA TYR A 419 23.67 22.39 9.45
C TYR A 419 24.28 21.18 8.74
N THR A 420 25.17 20.48 9.42
CA THR A 420 25.90 19.37 8.82
C THR A 420 25.85 18.17 9.75
N LEU A 421 25.20 17.10 9.32
CA LEU A 421 25.18 15.87 10.09
C LEU A 421 26.45 15.08 9.80
N SER A 422 27.15 14.70 10.86
CA SER A 422 28.29 13.79 10.77
C SER A 422 27.76 12.37 10.98
N LEU A 423 27.59 11.64 9.88
CA LEU A 423 26.87 10.36 9.90
C LEU A 423 27.86 9.19 9.96
N SER A 424 27.87 8.49 11.08
CA SER A 424 28.66 7.27 11.22
C SER A 424 27.83 6.05 10.86
N GLY A 425 28.51 4.95 10.55
CA GLY A 425 27.86 3.69 10.27
C GLY A 425 27.32 3.49 8.86
N ALA A 426 27.49 4.47 7.97
CA ALA A 426 26.97 4.30 6.62
C ALA A 426 27.71 3.21 5.86
N GLY A 427 28.98 2.94 6.20
CA GLY A 427 29.72 1.83 5.63
C GLY A 427 30.47 2.12 4.34
N TYR A 428 30.54 3.37 3.90
CA TYR A 428 31.27 3.69 2.68
C TYR A 428 32.77 3.89 2.99
N THR A 429 33.57 4.07 1.93
CA THR A 429 35.02 4.18 2.10
C THR A 429 35.46 5.63 2.04
N ALA A 430 36.50 5.95 2.83
CA ALA A 430 36.98 7.32 2.96
C ALA A 430 37.27 7.94 1.59
N GLY A 431 36.75 9.14 1.38
CA GLY A 431 36.91 9.83 0.13
C GLY A 431 35.99 9.38 -0.98
N GLN A 432 35.15 8.35 -0.76
CA GLN A 432 34.23 7.88 -1.78
C GLN A 432 33.18 8.93 -2.09
N GLN A 433 32.94 9.14 -3.38
CA GLN A 433 31.99 10.15 -3.79
C GLN A 433 30.58 9.55 -3.82
N LEU A 434 29.64 10.25 -3.19
CA LEU A 434 28.28 9.78 -3.04
C LEU A 434 27.35 10.76 -3.74
N THR A 435 26.36 10.24 -4.44
CA THR A 435 25.35 11.10 -5.06
C THR A 435 24.11 11.14 -4.18
N GLU A 436 23.71 12.34 -3.79
CA GLU A 436 22.42 12.52 -3.12
C GLU A 436 21.36 12.59 -4.21
N VAL A 437 20.52 11.56 -4.31
CA VAL A 437 19.76 11.35 -5.55
C VAL A 437 18.42 12.09 -5.58
N ILE A 438 17.98 12.67 -4.46
CA ILE A 438 16.77 13.50 -4.50
C ILE A 438 17.10 14.87 -5.06
N GLY A 439 18.07 15.58 -4.47
CA GLY A 439 18.48 16.90 -4.95
C GLY A 439 19.59 16.91 -5.98
N CYS A 440 20.23 15.76 -6.24
CA CYS A 440 21.29 15.62 -7.24
C CYS A 440 22.51 16.51 -6.95
N THR A 441 23.00 16.40 -5.72
CA THR A 441 24.30 16.90 -5.32
C THR A 441 25.21 15.72 -5.04
N THR A 442 26.47 16.02 -4.74
CA THR A 442 27.41 15.00 -4.35
C THR A 442 27.98 15.30 -2.97
N VAL A 443 28.30 14.23 -2.26
CA VAL A 443 28.88 14.24 -0.91
C VAL A 443 30.06 13.28 -0.94
N THR A 444 31.12 13.62 -0.22
CA THR A 444 32.31 12.78 -0.18
C THR A 444 32.52 12.27 1.24
N VAL A 445 32.85 10.98 1.36
CA VAL A 445 32.82 10.31 2.67
C VAL A 445 33.82 10.91 3.64
N GLY A 446 35.05 11.13 3.25
CA GLY A 446 35.92 11.73 4.24
C GLY A 446 36.63 10.76 5.21
N SER A 447 37.62 11.31 5.91
CA SER A 447 38.80 10.56 6.35
C SER A 447 38.51 9.46 7.37
N ASP A 448 37.55 9.66 8.27
CA ASP A 448 37.28 8.67 9.30
C ASP A 448 36.13 7.74 8.92
N GLY A 449 35.57 7.90 7.71
CA GLY A 449 34.43 7.11 7.30
C GLY A 449 33.08 7.69 7.65
N ASN A 450 33.01 8.79 8.42
CA ASN A 450 31.73 9.45 8.66
C ASN A 450 31.39 10.35 7.47
N VAL A 451 30.11 10.47 7.17
CA VAL A 451 29.65 11.17 5.98
C VAL A 451 29.20 12.56 6.38
N PRO A 452 29.73 13.61 5.80
CA PRO A 452 29.24 14.95 6.12
C PRO A 452 27.99 15.27 5.32
N VAL A 453 26.83 15.04 5.92
CA VAL A 453 25.54 15.10 5.23
C VAL A 453 24.98 16.52 5.36
N PRO A 454 24.92 17.30 4.28
CA PRO A 454 24.33 18.63 4.39
C PRO A 454 22.84 18.53 4.71
N MET A 455 22.41 19.27 5.73
CA MET A 455 21.01 19.24 6.16
C MET A 455 20.40 20.62 6.00
N ALA A 456 19.41 20.73 5.10
CA ALA A 456 18.71 21.99 4.87
C ALA A 456 17.24 21.75 4.60
N GLY A 457 16.43 22.76 4.93
CA GLY A 457 15.00 22.79 4.64
C GLY A 457 14.22 21.55 5.03
N GLY A 458 14.72 20.78 5.99
CA GLY A 458 14.00 19.61 6.42
C GLY A 458 13.88 18.51 5.39
N LEU A 459 14.75 18.49 4.38
CA LEU A 459 14.63 17.68 3.17
C LEU A 459 15.21 16.28 3.37
N PRO A 460 14.62 15.24 2.80
CA PRO A 460 15.23 13.91 2.89
C PRO A 460 16.53 13.87 2.11
N ARG A 461 17.37 12.93 2.47
CA ARG A 461 18.65 12.76 1.78
C ARG A 461 18.82 11.27 1.50
N VAL A 462 19.17 10.92 0.26
CA VAL A 462 19.20 9.52 -0.18
C VAL A 462 20.52 9.32 -0.93
N LEU A 463 21.45 8.59 -0.32
CA LEU A 463 22.84 8.53 -0.77
C LEU A 463 23.13 7.20 -1.45
N TYR A 464 23.91 7.25 -2.52
CA TYR A 464 24.24 6.04 -3.27
C TYR A 464 25.60 6.29 -3.91
N PRO A 465 26.48 5.29 -3.95
CA PRO A 465 27.82 5.53 -4.47
C PRO A 465 27.76 6.04 -5.90
N THR A 466 28.50 7.11 -6.17
CA THR A 466 28.43 7.78 -7.47
C THR A 466 28.96 6.90 -8.59
N GLU A 467 30.05 6.16 -8.32
CA GLU A 467 30.63 5.27 -9.33
C GLU A 467 29.63 4.20 -9.79
N LYS A 468 28.72 3.78 -8.92
CA LYS A 468 27.76 2.76 -9.30
C LYS A 468 26.64 3.29 -10.20
N LEU A 469 26.50 4.62 -10.33
CA LEU A 469 25.52 5.27 -11.20
C LEU A 469 26.05 5.55 -12.59
N ALA A 470 27.17 4.92 -12.98
CA ALA A 470 27.80 5.18 -14.27
C ALA A 470 26.78 5.09 -15.41
N GLY A 471 25.99 4.01 -15.43
CA GLY A 471 25.06 3.84 -16.52
C GLY A 471 23.90 4.83 -16.51
N SER A 472 23.31 5.05 -15.33
CA SER A 472 21.90 5.40 -15.23
C SER A 472 21.65 6.86 -15.65
N LYS A 473 20.36 7.19 -15.69
CA LYS A 473 19.88 8.52 -16.01
C LYS A 473 19.67 9.35 -14.76
N ILE A 474 20.10 8.86 -13.60
CA ILE A 474 19.55 9.34 -12.32
C ILE A 474 19.93 10.78 -12.03
N CYS A 475 21.17 11.17 -12.21
CA CYS A 475 21.44 12.61 -12.04
C CYS A 475 22.39 13.04 -13.15
N SER A 476 21.81 13.32 -14.31
CA SER A 476 22.57 13.56 -15.53
C SER A 476 22.02 14.75 -16.32
#